data_6GYX
#
_entry.id   6GYX
#
_cell.length_a   44.092
_cell.length_b   80.424
_cell.length_c   96.195
_cell.angle_alpha   90.000
_cell.angle_beta   90.000
_cell.angle_gamma   90.000
#
_symmetry.space_group_name_H-M   'P 21 21 21'
#
loop_
_entity.id
_entity.type
_entity.pdbx_description
1 polymer 'Diadenylate cyclase'
2 non-polymer 'DIPHOSPHOMETHYLPHOSPHONIC ACID ADENOSYL ESTER'
3 non-polymer 'MANGANESE (II) ION'
#
_entity_poly.entity_id   1
_entity_poly.type   'polypeptide(L)'
_entity_poly.pdbx_seq_one_letter_code
;GSHMASFLKRYTSNTYSKDEEKLIQSVSKAVQYMAKRRIGALIVFEKETGLQDYIETGIAMDSNISQELLINVFIPNTPL
HDGAMIIQGTKIAAAASYLPLSDSPKISKSLGTRHRAAVGISEVSDAFTVIVSEETGDISVTFDGKLRRDISNEIFEELL
AEHWFGTRFQKKGVK
;
_entity_poly.pdbx_strand_id   B,A
#
loop_
_chem_comp.id
_chem_comp.type
_chem_comp.name
_chem_comp.formula
APC non-polymer 'DIPHOSPHOMETHYLPHOSPHONIC ACID ADENOSYL ESTER' 'C11 H18 N5 O12 P3'
MN non-polymer 'MANGANESE (II) ION' 'Mn 2'
#
# COMPACT_ATOMS: atom_id res chain seq x y z
N THR A 15 11.81 3.59 28.10
CA THR A 15 11.14 2.31 28.33
C THR A 15 10.93 1.55 27.04
N TYR A 16 10.66 2.28 25.96
CA TYR A 16 10.50 1.71 24.63
C TYR A 16 11.54 2.34 23.70
N SER A 17 11.96 1.57 22.69
CA SER A 17 12.97 2.07 21.78
C SER A 17 12.40 3.19 20.91
N LYS A 18 13.29 4.02 20.39
CA LYS A 18 12.86 5.16 19.60
C LYS A 18 12.14 4.72 18.34
N ASP A 19 12.56 3.60 17.75
CA ASP A 19 11.92 3.13 16.53
C ASP A 19 10.58 2.45 16.84
N GLU A 20 10.53 1.85 17.99
CA GLU A 20 9.33 1.20 18.46
C GLU A 20 8.27 2.27 18.62
N GLU A 21 8.62 3.41 19.12
CA GLU A 21 7.69 4.52 19.31
C GLU A 21 7.35 5.17 17.97
N LYS A 22 8.28 5.13 17.02
CA LYS A 22 7.98 5.54 15.65
C LYS A 22 6.78 4.78 15.10
N LEU A 23 6.75 3.53 15.33
CA LEU A 23 5.67 2.75 14.84
C LEU A 23 4.31 3.03 15.40
N ILE A 24 4.24 3.19 16.69
CA ILE A 24 2.99 3.38 17.35
C ILE A 24 2.36 4.60 16.81
N GLN A 25 3.16 5.60 16.72
CA GLN A 25 2.70 6.87 16.30
C GLN A 25 2.18 6.73 14.95
N SER A 26 2.89 5.96 14.17
CA SER A 26 2.53 5.78 12.83
C SER A 26 1.20 5.18 12.78
N VAL A 27 1.02 4.17 13.58
CA VAL A 27 -0.25 3.53 13.62
C VAL A 27 -1.24 4.40 14.24
N SER A 28 -0.82 5.06 15.28
CA SER A 28 -1.75 5.90 16.02
C SER A 28 -2.24 7.07 15.16
N LYS A 29 -1.36 7.67 14.37
CA LYS A 29 -1.81 8.76 13.52
C LYS A 29 -2.71 8.24 12.40
N ALA A 30 -2.48 7.02 11.93
CA ALA A 30 -3.33 6.44 10.89
C ALA A 30 -4.72 6.12 11.44
N VAL A 31 -4.80 5.57 12.65
CA VAL A 31 -6.11 5.22 13.21
C VAL A 31 -6.90 6.47 13.54
N GLN A 32 -6.23 7.53 13.98
CA GLN A 32 -6.93 8.78 14.28
C GLN A 32 -7.45 9.44 13.02
N TYR A 33 -6.63 9.49 11.97
CA TYR A 33 -7.07 10.07 10.70
C TYR A 33 -8.33 9.37 10.20
N MET A 34 -8.32 8.04 10.26
CA MET A 34 -9.44 7.26 9.77
C MET A 34 -10.63 7.35 10.69
N ALA A 35 -10.41 7.56 11.98
CA ALA A 35 -11.52 7.70 12.92
C ALA A 35 -12.36 8.92 12.57
N LYS A 36 -11.70 10.06 12.37
CA LYS A 36 -12.44 11.30 12.14
C LYS A 36 -13.16 11.27 10.79
N ARG A 37 -12.58 10.58 9.81
CA ARG A 37 -13.20 10.49 8.49
C ARG A 37 -14.17 9.33 8.36
N ARG A 38 -14.38 8.55 9.41
CA ARG A 38 -15.36 7.47 9.39
C ARG A 38 -14.98 6.37 8.41
N ILE A 39 -13.68 6.16 8.22
CA ILE A 39 -13.17 5.11 7.33
C ILE A 39 -12.99 3.84 8.16
N GLY A 40 -13.70 2.78 7.80
CA GLY A 40 -13.58 1.53 8.53
C GLY A 40 -12.23 0.87 8.32
N ALA A 41 -11.70 0.29 9.40
CA ALA A 41 -10.39 -0.34 9.37
C ALA A 41 -10.35 -1.50 10.35
N LEU A 42 -9.48 -2.47 10.04
CA LEU A 42 -9.36 -3.68 10.85
C LEU A 42 -7.91 -4.14 10.75
N ILE A 43 -7.18 -4.03 11.86
CA ILE A 43 -5.74 -4.33 11.90
C ILE A 43 -5.49 -5.36 12.98
N VAL A 44 -4.87 -6.48 12.60
CA VAL A 44 -4.54 -7.57 13.51
C VAL A 44 -3.03 -7.55 13.74
N PHE A 45 -2.63 -7.60 15.00
CA PHE A 45 -1.22 -7.66 15.39
C PHE A 45 -0.94 -9.05 15.93
N GLU A 46 -0.07 -9.78 15.26
CA GLU A 46 0.19 -11.16 15.63
C GLU A 46 1.01 -11.22 16.91
N LYS A 47 0.59 -12.07 17.85
CA LYS A 47 1.33 -12.26 19.08
C LYS A 47 2.25 -13.47 18.91
N GLU A 48 1.93 -14.63 19.48
CA GLU A 48 2.71 -15.82 19.21
C GLU A 48 1.95 -16.91 18.48
N THR A 49 0.61 -16.90 18.50
CA THR A 49 -0.16 -17.80 17.65
C THR A 49 0.03 -17.37 16.20
N GLY A 50 0.50 -18.28 15.36
CA GLY A 50 0.77 -17.95 13.98
C GLY A 50 -0.51 -17.77 13.17
N LEU A 51 -0.62 -16.62 12.49
CA LEU A 51 -1.79 -16.31 11.67
C LEU A 51 -1.52 -16.51 10.19
N GLN A 52 -0.49 -17.29 9.84
CA GLN A 52 -0.12 -17.45 8.43
C GLN A 52 -1.29 -18.02 7.63
N ASP A 53 -2.15 -18.81 8.27
CA ASP A 53 -3.35 -19.27 7.59
C ASP A 53 -4.24 -18.10 7.20
N TYR A 54 -4.39 -17.13 8.10
CA TYR A 54 -5.17 -15.93 7.82
C TYR A 54 -4.40 -14.96 6.93
N ILE A 55 -3.08 -14.96 7.00
CA ILE A 55 -2.30 -14.15 6.08
C ILE A 55 -2.49 -14.64 4.66
N GLU A 56 -2.55 -15.97 4.49
CA GLU A 56 -2.60 -16.56 3.16
C GLU A 56 -3.92 -16.30 2.44
N THR A 57 -4.96 -15.87 3.15
CA THR A 57 -6.23 -15.55 2.50
C THR A 57 -6.29 -14.13 1.95
N GLY A 58 -5.29 -13.30 2.24
CA GLY A 58 -5.24 -11.95 1.74
C GLY A 58 -4.23 -11.77 0.63
N ILE A 59 -3.71 -10.59 0.50
CA ILE A 59 -2.75 -10.30 -0.45
C ILE A 59 -1.49 -10.03 0.26
N ALA A 60 -0.44 -10.66 -0.14
CA ALA A 60 0.83 -10.49 0.49
C ALA A 60 1.44 -9.22 0.22
N MET A 61 2.12 -8.67 1.19
CA MET A 61 2.77 -7.45 1.04
C MET A 61 4.13 -7.42 1.54
N ASP A 62 4.30 -7.77 2.78
CA ASP A 62 5.58 -7.78 3.39
C ASP A 62 6.18 -6.46 3.38
N SER A 63 5.39 -5.48 3.65
CA SER A 63 5.83 -4.13 3.64
C SER A 63 6.10 -3.49 4.92
N ASN A 64 6.87 -2.45 4.86
CA ASN A 64 7.19 -1.62 5.98
C ASN A 64 6.06 -0.73 6.32
N ILE A 65 6.07 -0.24 7.53
CA ILE A 65 4.98 0.51 8.04
C ILE A 65 5.08 2.00 8.09
N SER A 66 4.06 2.65 7.62
CA SER A 66 3.97 4.06 7.63
C SER A 66 2.58 4.46 7.74
N GLN A 67 2.34 5.59 8.30
CA GLN A 67 0.98 6.11 8.45
C GLN A 67 0.30 6.22 7.09
N GLU A 68 1.05 6.54 6.04
CA GLU A 68 0.47 6.77 4.73
C GLU A 68 -0.02 5.48 4.09
N LEU A 69 0.74 4.39 4.24
CA LEU A 69 0.31 3.13 3.64
C LEU A 69 -0.91 2.57 4.37
N LEU A 70 -0.93 2.67 5.70
CA LEU A 70 -2.08 2.22 6.45
C LEU A 70 -3.36 2.91 5.97
N ILE A 71 -3.26 4.20 5.65
CA ILE A 71 -4.42 4.95 5.17
C ILE A 71 -4.82 4.50 3.77
N ASN A 72 -3.84 4.36 2.87
CA ASN A 72 -4.14 3.97 1.50
C ASN A 72 -4.88 2.64 1.42
N VAL A 73 -4.47 1.68 2.26
CA VAL A 73 -5.04 0.33 2.19
C VAL A 73 -6.56 0.36 2.39
N PHE A 74 -7.02 1.12 3.38
CA PHE A 74 -8.41 1.06 3.82
C PHE A 74 -9.30 2.12 3.18
N ILE A 75 -8.81 2.87 2.21
CA ILE A 75 -9.67 3.86 1.55
C ILE A 75 -10.84 3.14 0.89
N PRO A 76 -12.08 3.62 1.02
CA PRO A 76 -13.20 2.88 0.45
C PRO A 76 -13.06 2.74 -1.06
N ASN A 77 -13.68 1.69 -1.59
CA ASN A 77 -13.75 1.38 -3.01
C ASN A 77 -12.42 0.92 -3.61
N THR A 78 -11.47 0.49 -2.78
CA THR A 78 -10.22 -0.05 -3.28
C THR A 78 -10.14 -1.56 -3.04
N PRO A 79 -9.32 -2.28 -3.81
CA PRO A 79 -9.26 -3.74 -3.61
C PRO A 79 -8.85 -4.16 -2.21
N LEU A 80 -7.93 -3.44 -1.56
CA LEU A 80 -7.36 -3.89 -0.30
C LEU A 80 -8.17 -3.50 0.92
N HIS A 81 -9.24 -2.70 0.77
CA HIS A 81 -9.94 -2.20 1.94
C HIS A 81 -10.80 -3.27 2.60
N ASP A 82 -11.37 -4.18 1.84
CA ASP A 82 -12.25 -5.19 2.41
C ASP A 82 -11.40 -6.31 3.00
N GLY A 83 -11.53 -6.52 4.30
CA GLY A 83 -10.76 -7.51 5.03
C GLY A 83 -9.76 -6.85 5.96
N ALA A 84 -9.03 -7.72 6.66
CA ALA A 84 -8.14 -7.31 7.73
C ALA A 84 -6.72 -7.10 7.22
N MET A 85 -6.01 -6.20 7.88
CA MET A 85 -4.58 -6.03 7.70
C MET A 85 -3.88 -6.74 8.84
N ILE A 86 -2.92 -7.61 8.50
CA ILE A 86 -2.24 -8.42 9.48
C ILE A 86 -0.78 -7.99 9.53
N ILE A 87 -0.31 -7.65 10.72
CA ILE A 87 1.06 -7.19 10.93
C ILE A 87 1.81 -8.27 11.71
N GLN A 88 3.02 -8.56 11.25
CA GLN A 88 3.94 -9.48 11.91
C GLN A 88 5.19 -8.68 12.27
N GLY A 89 5.37 -8.41 13.55
CA GLY A 89 6.52 -7.62 13.97
C GLY A 89 6.48 -6.23 13.35
N THR A 90 7.52 -5.89 12.60
CA THR A 90 7.66 -4.58 11.98
C THR A 90 7.07 -4.49 10.57
N LYS A 91 6.47 -5.56 10.05
CA LYS A 91 6.06 -5.62 8.66
C LYS A 91 4.58 -5.92 8.51
N ILE A 92 3.99 -5.33 7.47
CA ILE A 92 2.61 -5.62 7.08
C ILE A 92 2.63 -6.93 6.31
N ALA A 93 2.11 -8.00 6.92
CA ALA A 93 2.16 -9.30 6.28
C ALA A 93 1.21 -9.38 5.08
N ALA A 94 -0.03 -8.92 5.26
CA ALA A 94 -0.99 -8.98 4.18
C ALA A 94 -2.13 -8.01 4.47
N ALA A 95 -2.89 -7.71 3.41
CA ALA A 95 -4.10 -6.91 3.51
C ALA A 95 -5.24 -7.69 2.85
N ALA A 96 -6.46 -7.26 3.14
CA ALA A 96 -7.65 -7.92 2.60
C ALA A 96 -7.74 -9.37 3.06
N SER A 97 -7.16 -9.67 4.21
CA SER A 97 -7.30 -10.99 4.81
C SER A 97 -8.69 -11.09 5.43
N TYR A 98 -9.18 -12.31 5.53
CA TYR A 98 -10.46 -12.59 6.15
C TYR A 98 -10.23 -13.40 7.42
N LEU A 99 -10.96 -13.03 8.46
CA LEU A 99 -10.89 -13.64 9.76
C LEU A 99 -12.21 -14.32 10.07
N PRO A 100 -12.22 -15.30 10.98
CA PRO A 100 -13.47 -15.96 11.33
C PRO A 100 -14.40 -14.99 12.05
N LEU A 101 -15.70 -15.18 11.83
CA LEU A 101 -16.73 -14.32 12.38
C LEU A 101 -17.23 -14.92 13.68
N SER A 102 -17.22 -14.13 14.74
CA SER A 102 -17.72 -14.61 16.02
C SER A 102 -19.22 -14.86 15.96
N ASP A 103 -19.64 -15.89 16.70
CA ASP A 103 -21.05 -16.27 16.81
C ASP A 103 -21.59 -16.04 18.21
N SER A 104 -20.86 -15.33 19.06
CA SER A 104 -21.28 -15.12 20.44
C SER A 104 -22.66 -14.47 20.47
N PRO A 105 -23.54 -14.85 21.41
CA PRO A 105 -24.83 -14.15 21.48
C PRO A 105 -24.69 -12.74 22.02
N LYS A 106 -23.67 -12.47 22.84
CA LYS A 106 -23.53 -11.16 23.45
C LYS A 106 -23.26 -10.05 22.43
N ILE A 107 -22.66 -10.38 21.28
CA ILE A 107 -22.39 -9.36 20.28
C ILE A 107 -23.70 -8.69 19.88
N SER A 108 -23.68 -7.37 19.82
CA SER A 108 -24.87 -6.62 19.46
C SER A 108 -25.18 -6.78 17.97
N LYS A 109 -26.48 -6.91 17.67
CA LYS A 109 -26.93 -6.94 16.29
C LYS A 109 -26.47 -5.67 15.58
N SER A 110 -26.43 -4.56 16.32
CA SER A 110 -25.93 -3.28 15.80
C SER A 110 -24.53 -3.38 15.21
N LEU A 111 -23.72 -4.30 15.68
CA LEU A 111 -22.38 -4.32 15.18
C LEU A 111 -22.05 -4.95 13.89
N GLY A 112 -21.03 -4.34 13.32
CA GLY A 112 -20.50 -4.60 12.03
C GLY A 112 -19.83 -5.89 11.94
N THR A 113 -19.60 -6.27 10.71
CA THR A 113 -18.97 -7.49 10.46
C THR A 113 -17.61 -7.52 10.97
N ARG A 114 -16.87 -6.45 10.86
CA ARG A 114 -15.52 -6.44 11.32
C ARG A 114 -15.33 -6.58 12.79
N HIS A 115 -16.23 -6.00 13.54
CA HIS A 115 -16.22 -6.16 14.94
C HIS A 115 -16.42 -7.60 15.19
N ARG A 116 -17.29 -8.19 14.43
CA ARG A 116 -17.60 -9.57 14.57
C ARG A 116 -16.39 -10.35 14.27
N ALA A 117 -15.64 -9.88 13.34
CA ALA A 117 -14.42 -10.51 12.94
C ALA A 117 -13.32 -10.43 13.89
N ALA A 118 -13.20 -9.31 14.52
CA ALA A 118 -12.12 -9.12 15.44
C ALA A 118 -12.29 -10.03 16.55
N VAL A 119 -13.49 -10.11 16.93
CA VAL A 119 -13.73 -10.93 18.05
C VAL A 119 -13.34 -12.30 17.72
N GLY A 120 -13.77 -12.75 16.58
CA GLY A 120 -13.57 -14.09 16.19
C GLY A 120 -12.16 -14.40 16.21
N ILE A 121 -11.37 -13.51 15.71
CA ILE A 121 -9.98 -13.74 15.68
C ILE A 121 -9.48 -13.81 17.07
N SER A 122 -10.10 -13.06 17.94
CA SER A 122 -9.66 -13.02 19.29
C SER A 122 -9.79 -14.33 19.90
N GLU A 123 -10.88 -14.96 19.59
CA GLU A 123 -11.18 -16.22 20.16
C GLU A 123 -10.21 -17.30 19.87
N VAL A 124 -9.70 -17.35 18.69
CA VAL A 124 -8.89 -18.46 18.33
C VAL A 124 -7.45 -18.18 18.31
N SER A 125 -7.08 -17.04 18.82
CA SER A 125 -5.70 -16.71 18.88
C SER A 125 -5.47 -15.68 19.87
N ASP A 126 -4.26 -15.48 20.22
CA ASP A 126 -3.88 -14.45 21.17
C ASP A 126 -3.50 -13.13 20.50
N ALA A 127 -3.97 -12.90 19.28
CA ALA A 127 -3.65 -11.69 18.56
C ALA A 127 -4.34 -10.47 19.20
N PHE A 128 -3.82 -9.30 18.88
CA PHE A 128 -4.37 -8.02 19.29
C PHE A 128 -4.91 -7.30 18.05
N THR A 129 -6.20 -7.01 18.05
CA THR A 129 -6.87 -6.43 16.89
C THR A 129 -7.49 -5.09 17.26
N VAL A 130 -7.32 -4.10 16.37
CA VAL A 130 -7.93 -2.78 16.52
C VAL A 130 -8.93 -2.59 15.40
N ILE A 131 -10.07 -1.97 15.73
CA ILE A 131 -11.15 -1.70 14.78
C ILE A 131 -11.57 -0.25 14.91
N VAL A 132 -11.79 0.40 13.78
CA VAL A 132 -12.43 1.72 13.75
C VAL A 132 -13.74 1.56 13.00
N SER A 133 -14.84 1.99 13.61
CA SER A 133 -16.15 1.77 13.03
C SER A 133 -16.45 2.84 12.00
N GLU A 134 -16.80 2.41 10.79
CA GLU A 134 -17.21 3.33 9.74
C GLU A 134 -18.30 4.27 10.22
N GLU A 135 -19.20 3.77 11.08
CA GLU A 135 -20.42 4.50 11.38
C GLU A 135 -20.22 5.54 12.49
N THR A 136 -19.42 5.24 13.52
CA THR A 136 -19.25 6.14 14.65
C THR A 136 -17.86 6.75 14.76
N GLY A 137 -16.85 6.15 14.12
CA GLY A 137 -15.48 6.60 14.33
C GLY A 137 -14.88 6.16 15.64
N ASP A 138 -15.56 5.31 16.40
CA ASP A 138 -15.04 4.85 17.67
C ASP A 138 -13.91 3.85 17.45
N ILE A 139 -12.94 3.88 18.34
CA ILE A 139 -11.80 2.95 18.31
C ILE A 139 -12.08 1.87 19.33
N SER A 140 -12.10 0.62 18.87
CA SER A 140 -12.26 -0.53 19.73
C SER A 140 -11.08 -1.46 19.51
N VAL A 141 -10.77 -2.26 20.53
CA VAL A 141 -9.66 -3.21 20.45
C VAL A 141 -10.16 -4.57 20.94
N THR A 142 -9.42 -5.60 20.54
CA THR A 142 -9.82 -6.97 20.76
C THR A 142 -8.63 -7.83 21.19
N PHE A 143 -8.81 -8.60 22.28
CA PHE A 143 -7.82 -9.60 22.64
C PHE A 143 -8.41 -10.54 23.68
N ASP A 144 -8.03 -11.83 23.59
CA ASP A 144 -8.47 -12.84 24.55
C ASP A 144 -9.99 -12.97 24.59
N GLY A 145 -10.63 -12.91 23.43
CA GLY A 145 -12.07 -13.06 23.34
C GLY A 145 -12.87 -11.90 23.88
N LYS A 146 -12.21 -10.82 24.32
CA LYS A 146 -12.87 -9.70 24.97
C LYS A 146 -12.73 -8.46 24.08
N LEU A 147 -13.82 -7.79 23.89
CA LEU A 147 -13.83 -6.62 23.11
C LEU A 147 -14.00 -5.43 23.94
N ARG A 148 -13.07 -4.52 23.88
CA ARG A 148 -13.18 -3.34 24.63
C ARG A 148 -13.38 -2.18 23.76
N ARG A 149 -14.62 -1.69 23.80
CA ARG A 149 -15.13 -0.56 23.04
C ARG A 149 -14.79 0.85 23.41
N ASP A 150 -14.64 1.67 22.41
CA ASP A 150 -14.40 3.05 22.57
C ASP A 150 -13.22 3.48 23.37
N ILE A 151 -12.09 2.89 23.15
CA ILE A 151 -10.95 3.40 23.90
C ILE A 151 -10.51 4.73 23.29
N SER A 152 -9.92 5.55 24.15
CA SER A 152 -9.36 6.83 23.76
C SER A 152 -8.01 6.61 23.07
N ASN A 153 -7.57 7.64 22.34
CA ASN A 153 -6.31 7.56 21.62
C ASN A 153 -5.15 7.30 22.57
N GLU A 154 -5.14 7.95 23.73
CA GLU A 154 -4.06 7.73 24.69
C GLU A 154 -4.03 6.29 25.17
N ILE A 155 -5.21 5.73 25.48
CA ILE A 155 -5.29 4.32 25.92
C ILE A 155 -4.87 3.39 24.80
N PHE A 156 -5.21 3.73 23.55
CA PHE A 156 -4.88 2.84 22.43
C PHE A 156 -3.36 2.67 22.29
N GLU A 157 -2.62 3.76 22.38
CA GLU A 157 -1.16 3.67 22.29
C GLU A 157 -0.60 2.85 23.44
N GLU A 158 -1.19 2.96 24.63
CA GLU A 158 -0.77 2.14 25.75
C GLU A 158 -0.99 0.66 25.47
N LEU A 159 -2.19 0.30 25.01
CA LEU A 159 -2.48 -1.11 24.78
C LEU A 159 -1.67 -1.64 23.61
N LEU A 160 -1.57 -0.85 22.53
CA LEU A 160 -0.83 -1.31 21.36
C LEU A 160 0.63 -1.55 21.71
N ALA A 161 1.26 -0.58 22.39
CA ALA A 161 2.67 -0.72 22.75
C ALA A 161 2.92 -2.00 23.53
N GLU A 162 2.08 -2.29 24.52
CA GLU A 162 2.35 -3.43 25.38
C GLU A 162 1.98 -4.74 24.70
N HIS A 163 0.91 -4.77 23.91
CA HIS A 163 0.58 -5.99 23.17
C HIS A 163 1.51 -6.19 21.98
N TRP A 164 1.93 -5.10 21.34
CA TRP A 164 2.76 -5.24 20.14
C TRP A 164 4.21 -5.56 20.49
N PHE A 165 4.79 -4.84 21.45
CA PHE A 165 6.18 -5.04 21.84
C PHE A 165 6.36 -5.56 23.26
N GLY A 166 5.28 -5.83 23.98
CA GLY A 166 5.40 -6.41 25.32
C GLY A 166 5.89 -5.39 26.32
N SER B 17 10.97 -16.09 -17.03
CA SER B 17 10.72 -17.28 -16.21
C SER B 17 9.29 -17.26 -15.65
N LYS B 18 8.87 -18.43 -15.14
CA LYS B 18 7.48 -18.60 -14.73
C LYS B 18 7.08 -17.59 -13.66
N ASP B 19 7.99 -17.25 -12.77
CA ASP B 19 7.66 -16.28 -11.73
C ASP B 19 7.74 -14.85 -12.26
N GLU B 20 8.69 -14.59 -13.16
CA GLU B 20 8.82 -13.26 -13.74
C GLU B 20 7.57 -12.85 -14.50
N GLU B 21 6.89 -13.79 -15.16
CA GLU B 21 5.71 -13.44 -15.94
C GLU B 21 4.52 -13.07 -15.06
N LYS B 22 4.38 -13.68 -13.89
CA LYS B 22 3.34 -13.27 -12.96
C LYS B 22 3.50 -11.78 -12.62
N LEU B 23 4.74 -11.33 -12.40
CA LEU B 23 4.99 -9.93 -12.08
C LEU B 23 4.67 -9.03 -13.27
N ILE B 24 5.07 -9.41 -14.48
CA ILE B 24 4.69 -8.65 -15.66
C ILE B 24 3.18 -8.54 -15.76
N GLN B 25 2.48 -9.66 -15.55
CA GLN B 25 1.03 -9.62 -15.55
C GLN B 25 0.52 -8.72 -14.43
N SER B 26 1.08 -8.85 -13.24
CA SER B 26 0.67 -7.98 -12.14
C SER B 26 0.80 -6.51 -12.52
N VAL B 27 1.96 -6.10 -13.03
CA VAL B 27 2.17 -4.70 -13.41
C VAL B 27 1.30 -4.33 -14.60
N SER B 28 1.28 -5.19 -15.63
CA SER B 28 0.56 -4.84 -16.85
C SER B 28 -0.94 -4.74 -16.59
N LYS B 29 -1.48 -5.61 -15.74
CA LYS B 29 -2.91 -5.56 -15.45
C LYS B 29 -3.27 -4.34 -14.62
N ALA B 30 -2.34 -3.87 -13.80
CA ALA B 30 -2.60 -2.66 -13.00
C ALA B 30 -2.64 -1.40 -13.86
N VAL B 31 -1.70 -1.25 -14.79
CA VAL B 31 -1.68 -0.03 -15.60
C VAL B 31 -2.85 -0.02 -16.57
N GLN B 32 -3.27 -1.19 -17.04
CA GLN B 32 -4.47 -1.25 -17.87
C GLN B 32 -5.68 -0.84 -17.06
N TYR B 33 -5.76 -1.30 -15.81
CA TYR B 33 -6.83 -0.88 -14.92
C TYR B 33 -6.84 0.64 -14.76
N MET B 34 -5.68 1.24 -14.49
CA MET B 34 -5.62 2.68 -14.31
C MET B 34 -5.80 3.44 -15.61
N ALA B 35 -5.42 2.84 -16.74
CA ALA B 35 -5.63 3.49 -18.02
C ALA B 35 -7.11 3.72 -18.29
N LYS B 36 -7.92 2.67 -18.11
CA LYS B 36 -9.34 2.78 -18.45
C LYS B 36 -10.05 3.73 -17.49
N ARG B 37 -9.62 3.76 -16.24
CA ARG B 37 -10.22 4.60 -15.21
C ARG B 37 -9.60 5.99 -15.12
N ARG B 38 -8.62 6.30 -15.99
CA ARG B 38 -8.04 7.63 -16.08
C ARG B 38 -7.26 8.03 -14.82
N ILE B 39 -6.64 7.06 -14.14
CA ILE B 39 -5.80 7.35 -12.98
C ILE B 39 -4.37 7.56 -13.45
N GLY B 40 -3.83 8.75 -13.18
CA GLY B 40 -2.44 9.00 -13.51
C GLY B 40 -1.53 8.20 -12.60
N ALA B 41 -0.44 7.70 -13.17
CA ALA B 41 0.50 6.87 -12.42
C ALA B 41 1.90 7.07 -12.98
N LEU B 42 2.89 6.82 -12.14
CA LEU B 42 4.29 7.04 -12.50
C LEU B 42 5.11 5.99 -11.76
N ILE B 43 5.63 5.01 -12.50
CA ILE B 43 6.33 3.86 -11.93
C ILE B 43 7.71 3.77 -12.59
N VAL B 44 8.74 3.78 -11.76
CA VAL B 44 10.13 3.72 -12.21
C VAL B 44 10.66 2.32 -11.93
N PHE B 45 11.30 1.72 -12.94
CA PHE B 45 11.93 0.42 -12.80
C PHE B 45 13.44 0.60 -12.88
N GLU B 46 14.14 0.28 -11.80
CA GLU B 46 15.57 0.50 -11.70
C GLU B 46 16.33 -0.55 -12.49
N LYS B 47 17.32 -0.10 -13.28
CA LYS B 47 18.22 -1.00 -13.98
C LYS B 47 19.52 -1.12 -13.17
N GLU B 48 20.60 -0.44 -13.60
CA GLU B 48 21.84 -0.43 -12.85
C GLU B 48 22.18 0.92 -12.25
N THR B 49 21.61 2.01 -12.74
CA THR B 49 21.78 3.31 -12.08
C THR B 49 21.09 3.26 -10.72
N GLY B 50 21.85 3.51 -9.66
CA GLY B 50 21.31 3.44 -8.32
C GLY B 50 20.36 4.60 -8.09
N LEU B 51 19.12 4.29 -7.72
CA LEU B 51 18.10 5.31 -7.50
C LEU B 51 17.80 5.52 -6.02
N GLN B 52 18.69 5.05 -5.14
CA GLN B 52 18.44 5.14 -3.71
C GLN B 52 18.27 6.58 -3.25
N ASP B 53 18.90 7.52 -3.95
CA ASP B 53 18.72 8.94 -3.64
C ASP B 53 17.28 9.39 -3.86
N TYR B 54 16.66 8.95 -4.98
CA TYR B 54 15.27 9.30 -5.27
C TYR B 54 14.30 8.48 -4.43
N ILE B 55 14.69 7.27 -4.03
CA ILE B 55 13.85 6.48 -3.14
C ILE B 55 13.69 7.16 -1.79
N GLU B 56 14.79 7.73 -1.27
CA GLU B 56 14.77 8.29 0.06
C GLU B 56 13.94 9.56 0.17
N THR B 57 13.53 10.17 -0.95
CA THR B 57 12.64 11.32 -0.85
C THR B 57 11.18 10.91 -0.74
N GLY B 58 10.87 9.64 -0.92
CA GLY B 58 9.53 9.14 -0.80
C GLY B 58 9.30 8.38 0.49
N ILE B 59 8.29 7.53 0.49
CA ILE B 59 7.92 6.71 1.63
C ILE B 59 8.38 5.28 1.37
N ALA B 60 9.29 4.80 2.23
CA ALA B 60 9.80 3.44 2.08
C ALA B 60 8.69 2.42 2.24
N MET B 61 8.75 1.37 1.43
CA MET B 61 7.75 0.30 1.50
C MET B 61 8.45 -1.06 1.57
N ASP B 62 9.35 -1.31 0.69
CA ASP B 62 9.99 -2.57 0.67
C ASP B 62 8.98 -3.62 0.51
N SER B 63 8.08 -3.38 -0.39
CA SER B 63 6.98 -4.26 -0.61
C SER B 63 6.97 -5.13 -1.78
N ASN B 64 6.30 -6.23 -1.62
CA ASN B 64 6.15 -7.18 -2.65
C ASN B 64 5.21 -6.58 -3.55
N ILE B 65 5.06 -7.12 -4.72
CA ILE B 65 4.26 -6.53 -5.73
C ILE B 65 3.03 -7.25 -6.09
N SER B 66 1.97 -6.52 -6.29
CA SER B 66 0.70 -7.11 -6.66
C SER B 66 -0.11 -6.06 -7.40
N GLN B 67 -1.00 -6.54 -8.28
CA GLN B 67 -1.84 -5.62 -9.03
C GLN B 67 -2.71 -4.78 -8.09
N GLU B 68 -3.15 -5.38 -6.98
CA GLU B 68 -4.05 -4.67 -6.06
C GLU B 68 -3.32 -3.56 -5.33
N LEU B 69 -2.07 -3.80 -4.91
CA LEU B 69 -1.31 -2.78 -4.22
C LEU B 69 -0.92 -1.65 -5.17
N LEU B 70 -0.52 -1.99 -6.40
CA LEU B 70 -0.19 -0.97 -7.40
C LEU B 70 -1.35 -0.02 -7.62
N ILE B 71 -2.57 -0.54 -7.64
CA ILE B 71 -3.75 0.30 -7.86
C ILE B 71 -4.01 1.18 -6.63
N ASN B 72 -3.93 0.59 -5.43
CA ASN B 72 -4.21 1.33 -4.21
C ASN B 72 -3.32 2.55 -4.11
N VAL B 73 -2.04 2.42 -4.45
CA VAL B 73 -1.10 3.52 -4.26
C VAL B 73 -1.54 4.74 -5.02
N PHE B 74 -2.02 4.56 -6.25
CA PHE B 74 -2.28 5.67 -7.15
C PHE B 74 -3.72 6.17 -7.11
N ILE B 75 -4.51 5.72 -6.12
CA ILE B 75 -5.88 6.25 -6.01
C ILE B 75 -5.81 7.76 -5.76
N PRO B 76 -6.59 8.58 -6.45
CA PRO B 76 -6.46 10.04 -6.28
C PRO B 76 -6.82 10.49 -4.87
N ASN B 77 -6.19 11.59 -4.44
CA ASN B 77 -6.46 12.21 -3.16
C ASN B 77 -5.99 11.36 -1.98
N THR B 78 -5.06 10.43 -2.23
CA THR B 78 -4.44 9.61 -1.19
C THR B 78 -3.00 10.06 -0.99
N PRO B 79 -2.40 9.75 0.17
CA PRO B 79 -1.03 10.23 0.42
C PRO B 79 0.00 9.74 -0.58
N LEU B 80 -0.11 8.49 -1.03
CA LEU B 80 0.92 7.88 -1.87
C LEU B 80 0.74 8.16 -3.36
N HIS B 81 -0.37 8.78 -3.77
CA HIS B 81 -0.59 9.00 -5.20
C HIS B 81 0.33 10.12 -5.69
N ASP B 82 0.73 11.01 -4.80
CA ASP B 82 1.58 12.14 -5.15
C ASP B 82 3.02 11.65 -5.26
N GLY B 83 3.57 11.70 -6.48
CA GLY B 83 4.93 11.27 -6.73
C GLY B 83 5.01 9.94 -7.43
N ALA B 84 6.26 9.53 -7.67
CA ALA B 84 6.57 8.32 -8.43
C ALA B 84 6.76 7.13 -7.50
N MET B 85 6.43 5.95 -8.01
CA MET B 85 6.73 4.70 -7.33
C MET B 85 7.95 4.06 -7.97
N ILE B 86 8.90 3.64 -7.13
CA ILE B 86 10.20 3.14 -7.60
C ILE B 86 10.30 1.66 -7.28
N ILE B 87 10.61 0.86 -8.30
CA ILE B 87 10.68 -0.60 -8.18
C ILE B 87 12.14 -1.02 -8.25
N GLN B 88 12.55 -1.88 -7.33
CA GLN B 88 13.88 -2.46 -7.31
C GLN B 88 13.73 -3.98 -7.35
N GLY B 89 14.05 -4.58 -8.49
CA GLY B 89 13.91 -6.02 -8.63
C GLY B 89 12.48 -6.45 -8.47
N THR B 90 12.23 -7.32 -7.48
CA THR B 90 10.92 -7.89 -7.24
C THR B 90 10.09 -7.09 -6.23
N LYS B 91 10.61 -5.99 -5.69
CA LYS B 91 9.99 -5.34 -4.55
C LYS B 91 9.75 -3.87 -4.82
N ILE B 92 8.70 -3.34 -4.19
CA ILE B 92 8.38 -1.91 -4.24
C ILE B 92 9.37 -1.20 -3.32
N ALA B 93 10.28 -0.43 -3.91
CA ALA B 93 11.26 0.27 -3.09
C ALA B 93 10.62 1.42 -2.33
N ALA B 94 9.83 2.24 -3.01
CA ALA B 94 9.17 3.37 -2.34
C ALA B 94 8.03 3.89 -3.22
N ALA B 95 7.16 4.66 -2.58
CA ALA B 95 6.10 5.38 -3.27
C ALA B 95 6.19 6.86 -2.88
N ALA B 96 5.54 7.66 -3.66
CA ALA B 96 5.53 9.05 -3.46
C ALA B 96 6.84 9.73 -3.48
N SER B 97 7.67 9.37 -4.42
CA SER B 97 8.93 9.99 -4.57
C SER B 97 8.90 10.95 -5.65
N TYR B 98 9.76 11.94 -5.59
CA TYR B 98 9.83 12.95 -6.61
C TYR B 98 11.09 12.87 -7.37
N LEU B 99 10.91 12.95 -8.66
CA LEU B 99 11.97 12.91 -9.56
C LEU B 99 12.16 14.27 -10.04
N PRO B 100 13.39 14.49 -10.64
CA PRO B 100 13.63 15.84 -11.12
C PRO B 100 13.01 16.08 -12.41
N LEU B 101 12.93 17.29 -12.86
CA LEU B 101 12.27 17.57 -14.10
C LEU B 101 13.15 18.10 -15.17
N SER B 102 12.91 17.65 -16.39
CA SER B 102 13.63 18.07 -17.54
C SER B 102 12.96 19.27 -18.04
N ASP B 103 13.73 20.11 -18.66
CA ASP B 103 13.23 21.31 -19.31
C ASP B 103 13.42 21.26 -20.82
N SER B 104 13.73 20.09 -21.38
CA SER B 104 14.02 19.99 -22.81
C SER B 104 12.83 20.55 -23.60
N PRO B 105 13.09 21.24 -24.72
CA PRO B 105 11.98 21.80 -25.50
C PRO B 105 11.11 20.76 -26.19
N LYS B 106 11.67 19.58 -26.51
CA LYS B 106 10.91 18.60 -27.26
C LYS B 106 9.66 18.17 -26.52
N ILE B 107 9.65 18.32 -25.20
CA ILE B 107 8.47 17.96 -24.42
C ILE B 107 7.30 18.80 -24.90
N SER B 108 6.15 18.17 -25.12
CA SER B 108 4.96 18.94 -25.45
C SER B 108 4.46 19.63 -24.19
N LYS B 109 4.15 20.93 -24.31
CA LYS B 109 3.65 21.66 -23.15
C LYS B 109 2.34 21.10 -22.64
N SER B 110 1.49 20.58 -23.53
CA SER B 110 0.24 19.97 -23.10
C SER B 110 0.46 18.90 -22.04
N GLY B 112 2.11 17.01 -19.20
CA GLY B 112 1.92 16.92 -17.76
C GLY B 112 3.22 16.76 -17.01
N THR B 113 3.17 17.01 -15.69
CA THR B 113 4.37 16.94 -14.87
C THR B 113 4.87 15.51 -14.75
N ARG B 114 3.96 14.55 -14.62
CA ARG B 114 4.41 13.16 -14.52
C ARG B 114 5.16 12.75 -15.78
N HIS B 115 4.75 13.26 -16.93
CA HIS B 115 5.55 13.11 -18.13
C HIS B 115 6.88 13.84 -18.00
N ARG B 116 6.88 15.02 -17.36
CA ARG B 116 8.13 15.72 -17.11
C ARG B 116 9.05 14.92 -16.20
N ALA B 117 8.49 14.27 -15.20
CA ALA B 117 9.31 13.54 -14.23
C ALA B 117 9.90 12.29 -14.85
N ALA B 118 9.14 11.61 -15.71
CA ALA B 118 9.64 10.37 -16.34
C ALA B 118 10.82 10.67 -17.25
N VAL B 119 10.69 11.67 -18.12
CA VAL B 119 11.82 12.06 -18.96
C VAL B 119 12.99 12.52 -18.07
N GLY B 120 12.68 13.28 -17.02
CA GLY B 120 13.72 13.72 -16.11
C GLY B 120 14.58 12.58 -15.60
N ILE B 121 13.94 11.56 -15.03
CA ILE B 121 14.71 10.46 -14.49
C ILE B 121 15.40 9.68 -15.60
N SER B 122 14.82 9.70 -16.81
CA SER B 122 15.42 8.96 -17.91
CA SER B 122 15.44 8.94 -17.90
C SER B 122 16.68 9.65 -18.43
N GLU B 123 16.77 10.96 -18.29
CA GLU B 123 17.98 11.68 -18.69
C GLU B 123 19.12 11.47 -17.70
N VAL B 124 18.79 11.22 -16.43
CA VAL B 124 19.78 11.11 -15.37
C VAL B 124 20.00 9.66 -14.94
N SER B 125 19.35 8.71 -15.59
CA SER B 125 19.50 7.30 -15.23
C SER B 125 19.10 6.46 -16.44
N ASP B 126 19.46 5.18 -16.37
CA ASP B 126 19.05 4.20 -17.36
C ASP B 126 17.76 3.48 -16.96
N ALA B 127 16.97 4.09 -16.09
CA ALA B 127 15.76 3.46 -15.63
C ALA B 127 14.72 3.41 -16.74
N PHE B 128 13.76 2.52 -16.56
CA PHE B 128 12.62 2.39 -17.45
C PHE B 128 11.38 2.84 -16.68
N THR B 129 10.74 3.89 -17.16
CA THR B 129 9.61 4.50 -16.47
C THR B 129 8.37 4.42 -17.35
N VAL B 130 7.25 4.05 -16.74
CA VAL B 130 5.95 3.99 -17.42
C VAL B 130 5.05 5.06 -16.79
N ILE B 131 4.25 5.71 -17.65
CA ILE B 131 3.36 6.77 -17.23
C ILE B 131 1.98 6.49 -17.80
N VAL B 132 0.95 6.71 -16.98
CA VAL B 132 -0.43 6.68 -17.42
C VAL B 132 -0.98 8.09 -17.27
N SER B 133 -1.61 8.60 -18.33
CA SER B 133 -2.01 9.99 -18.38
C SER B 133 -3.33 10.21 -17.64
N GLU B 134 -3.31 11.16 -16.70
CA GLU B 134 -4.53 11.54 -15.98
C GLU B 134 -5.67 11.89 -16.95
N GLU B 135 -5.37 12.67 -17.98
CA GLU B 135 -6.42 13.21 -18.85
C GLU B 135 -6.78 12.30 -20.00
N THR B 136 -5.82 11.56 -20.56
CA THR B 136 -6.07 10.73 -21.73
C THR B 136 -6.06 9.23 -21.45
N GLY B 137 -5.45 8.79 -20.36
CA GLY B 137 -5.31 7.37 -20.09
C GLY B 137 -4.28 6.65 -20.93
N ASP B 138 -3.48 7.38 -21.71
CA ASP B 138 -2.49 6.75 -22.56
C ASP B 138 -1.33 6.18 -21.75
N ILE B 139 -0.75 5.10 -22.27
CA ILE B 139 0.40 4.44 -21.66
C ILE B 139 1.63 4.92 -22.40
N SER B 140 2.55 5.57 -21.68
CA SER B 140 3.80 6.06 -22.25
C SER B 140 4.95 5.53 -21.42
N VAL B 141 6.12 5.44 -22.04
CA VAL B 141 7.32 5.01 -21.35
C VAL B 141 8.48 5.94 -21.71
N THR B 142 9.48 5.95 -20.84
CA THR B 142 10.68 6.76 -21.03
C THR B 142 11.85 5.89 -20.68
N PHE B 143 12.85 5.89 -21.55
CA PHE B 143 14.12 5.25 -21.24
C PHE B 143 15.14 5.82 -22.21
N ASP B 144 16.37 5.96 -21.72
CA ASP B 144 17.46 6.56 -22.49
C ASP B 144 17.11 8.00 -22.85
N GLY B 145 16.47 8.69 -21.90
CA GLY B 145 16.13 10.10 -22.06
C GLY B 145 15.06 10.39 -23.07
N LYS B 146 14.46 9.38 -23.70
CA LYS B 146 13.52 9.56 -24.79
C LYS B 146 12.15 9.09 -24.36
N LEU B 147 11.13 9.88 -24.66
CA LEU B 147 9.75 9.56 -24.33
C LEU B 147 9.08 8.83 -25.49
N ARG B 148 8.42 7.74 -25.17
CA ARG B 148 7.64 6.94 -26.11
C ARG B 148 6.18 7.01 -25.67
N ARG B 149 5.33 7.61 -26.49
CA ARG B 149 3.96 7.92 -26.08
C ARG B 149 2.93 7.01 -26.73
N ASP B 150 1.88 6.71 -25.94
CA ASP B 150 0.67 6.06 -26.40
C ASP B 150 0.96 4.69 -27.02
N ILE B 151 1.59 3.84 -26.24
CA ILE B 151 1.94 2.50 -26.71
C ILE B 151 0.81 1.56 -26.32
N SER B 152 0.65 0.49 -27.09
CA SER B 152 -0.38 -0.49 -26.81
C SER B 152 0.04 -1.36 -25.64
N ASN B 153 -0.95 -2.05 -25.06
CA ASN B 153 -0.67 -2.92 -23.92
C ASN B 153 0.33 -4.01 -24.30
N GLU B 154 0.17 -4.61 -25.50
CA GLU B 154 1.10 -5.65 -25.92
C GLU B 154 2.51 -5.09 -26.03
N ILE B 155 2.65 -3.91 -26.61
CA ILE B 155 3.96 -3.28 -26.72
C ILE B 155 4.52 -2.98 -25.34
N PHE B 156 3.66 -2.56 -24.40
CA PHE B 156 4.11 -2.24 -23.06
C PHE B 156 4.66 -3.47 -22.34
N GLU B 157 3.93 -4.60 -22.41
CA GLU B 157 4.42 -5.81 -21.75
C GLU B 157 5.74 -6.27 -22.37
N GLU B 158 5.88 -6.12 -23.68
CA GLU B 158 7.10 -6.51 -24.36
C GLU B 158 8.28 -5.67 -23.86
N LEU B 159 8.09 -4.35 -23.81
CA LEU B 159 9.16 -3.47 -23.35
C LEU B 159 9.44 -3.66 -21.87
N LEU B 160 8.39 -3.78 -21.05
CA LEU B 160 8.61 -3.95 -19.62
C LEU B 160 9.38 -5.23 -19.35
N ALA B 161 8.94 -6.35 -19.93
CA ALA B 161 9.66 -7.60 -19.78
C ALA B 161 11.13 -7.43 -20.15
N GLU B 162 11.39 -6.69 -21.24
CA GLU B 162 12.75 -6.59 -21.77
C GLU B 162 13.63 -5.70 -20.92
N HIS B 163 13.12 -4.56 -20.47
CA HIS B 163 13.90 -3.65 -19.64
C HIS B 163 13.98 -4.10 -18.19
N TRP B 164 12.89 -4.69 -17.67
CA TRP B 164 12.84 -5.06 -16.26
C TRP B 164 13.65 -6.31 -15.98
N PHE B 165 13.46 -7.36 -16.78
CA PHE B 165 14.21 -8.60 -16.63
C PHE B 165 15.02 -8.78 -17.91
N GLY B 166 14.52 -9.53 -18.88
CA GLY B 166 15.18 -9.61 -20.17
C GLY B 166 16.49 -10.37 -20.15
PG APC C . -19.83 -4.37 0.83
O1G APC C . -18.39 -3.93 0.82
O2G APC C . -20.10 -5.71 0.19
O3G APC C . -20.82 -3.31 0.46
PB APC C . -20.88 -5.82 2.84
O1B APC C . -19.98 -7.15 2.85
O2B APC C . -21.94 -6.13 1.90
O3B APC C . -20.16 -4.51 2.35
PA APC C . -20.24 -6.32 5.49
O1A APC C . -20.87 -6.76 6.84
O2A APC C . -19.77 -7.46 4.77
C3A APC C . -21.41 -5.41 4.51
O5' APC C . -19.08 -5.39 5.81
C5' APC C . -18.18 -5.17 4.81
C4' APC C . -16.87 -5.16 5.49
O4' APC C . -16.74 -6.34 6.20
C3' APC C . -15.80 -5.25 4.49
O3' APC C . -15.08 -4.08 4.46
C2' APC C . -14.81 -6.18 5.03
O2' APC C . -13.80 -5.30 5.38
C1' APC C . -15.39 -6.75 6.25
N9 APC C . -15.34 -8.18 6.35
C8 APC C . -16.26 -8.99 5.98
N7 APC C . -15.98 -10.24 6.27
C5 APC C . -14.82 -10.25 6.85
C6 APC C . -13.92 -11.23 7.40
N6 APC C . -14.14 -12.50 7.41
N1 APC C . -12.83 -10.86 7.90
C2 APC C . -12.55 -9.60 7.90
N3 APC C . -13.32 -8.64 7.42
C4 APC C . -14.45 -8.89 6.89
H3A1 APC C . -22.43 -5.74 4.71
H3A2 APC C . -21.32 -4.34 4.70
H5'1 APC C . -18.37 -4.21 4.35
H5'2 APC C . -18.20 -5.96 4.07
H4' APC C . -16.75 -4.28 6.11
H3' APC C . -16.16 -5.55 3.50
HO3' APC C . -14.59 -4.06 3.64
H2' APC C . -14.50 -6.94 4.32
HO2' APC C . -13.14 -5.28 4.68
H1' APC C . -14.90 -6.31 7.11
H8 APC C . -17.17 -8.65 5.50
HN61 APC C . -15.00 -12.86 7.02
HN62 APC C . -13.46 -13.11 7.81
H2 APC C . -11.63 -9.29 8.33
MN MN D . -23.07 -4.80 5.48
PG APC E . -2.51 17.40 -15.31
O1G APC E . -1.64 16.23 -15.61
O2G APC E . -2.32 18.51 -16.30
O3G APC E . -3.96 17.04 -15.03
PB APC E . -0.33 18.09 -14.04
O1B APC E . 0.23 16.76 -13.98
O2B APC E . -0.07 18.70 -15.48
O3B APC E . -1.91 17.97 -13.96
PA APC E . 0.18 18.59 -11.21
O1A APC E . 0.66 19.44 -10.12
O2A APC E . -1.37 18.27 -10.97
C3A APC E . 0.44 19.21 -12.86
O5' APC E . 0.96 17.24 -11.19
C5' APC E . 0.56 16.48 -10.11
C4' APC E . 1.34 15.22 -10.13
O4' APC E . 2.67 15.41 -10.43
C3' APC E . 1.35 14.75 -8.75
O3' APC E . 0.16 14.02 -8.67
C2' APC E . 2.60 13.96 -8.66
O2' APC E . 2.23 12.62 -8.85
C1' APC E . 3.44 14.42 -9.81
N9 APC E . 4.68 15.03 -9.35
C8 APC E . 4.77 16.17 -8.74
N7 APC E . 6.05 16.46 -8.48
C5 APC E . 6.82 15.49 -8.94
C6 APC E . 8.23 15.16 -8.99
N6 APC E . 9.23 15.87 -8.50
N1 APC E . 8.59 14.07 -9.54
C2 APC E . 7.69 13.28 -10.03
N3 APC E . 6.39 13.51 -10.03
C4 APC E . 5.89 14.57 -9.50
H3A1 APC E . 1.51 19.25 -13.06
H3A2 APC E . 0.01 20.20 -12.96
H5'1 APC E . 0.74 17.05 -9.20
H5'2 APC E . -0.50 16.26 -10.18
H4' APC E . 0.88 14.49 -10.79
H3' APC E . 1.40 15.57 -8.03
HO3' APC E . -0.26 14.18 -7.81
H2' APC E . 3.11 14.14 -7.72
HO2' APC E . 1.83 12.28 -8.04
H1' APC E . 3.64 13.59 -10.48
H8 APC E . 3.93 16.80 -8.48
HN61 APC E . 10.17 15.53 -8.61
HN62 APC E . 9.06 16.76 -8.05
H2 APC E . 8.03 12.37 -10.49
#